data_8ABX
#
_entry.id   8ABX
#
_cell.length_a   106.480
_cell.length_b   109.490
_cell.length_c   36.310
_cell.angle_alpha   90.000
_cell.angle_beta   90.000
_cell.angle_gamma   90.000
#
_symmetry.space_group_name_H-M   'P 21 21 2'
#
loop_
_entity.id
_entity.type
_entity.pdbx_description
1 polymer 'Indoleamine 2,3-dioxygenase 1'
2 non-polymer 'TETRAETHYLENE GLYCOL'
3 non-polymer 'TRIETHYLENE GLYCOL'
4 non-polymer 'O1-tert-butyl O2-ethyl O5-methyl (E,5R)-5-(1-methylindol-2-yl)-5-[(4-methylphenyl)sulfonylamino]pent-2-ene-1,2,5-tricarboxylate'
5 non-polymer 'O2-tert-butyl O3-ethyl O6-methyl (2S,6R)-6-(1-methylindol-2-yl)-2,5-dihydro-1H-pyridine-2,3,6-tricarboxylate'
6 water water
#
_entity_poly.entity_id   1
_entity_poly.type   'polypeptide(L)'
_entity_poly.pdbx_seq_one_letter_code
;GPLGSGIQMENSWTISKEYHIDEEVGFALPNPQENLPDFYNDWMFIAKHLPDLIESGQLRERVEKLNMLSIDHLTDHKSQ
RLARLVLGCITMAYVWGKGHGDVRKVLPRNIAVPYCQLSKKLELPPILVYADCVLANWKKKDPNKPLTYENMDVLFSFRD
GDCSKGFFLVSLLVEIAAASAIKVIPTVFKAMQMQERDTLLKALLEIASCLEKALQVFHQIHDHVNPKAFFSVLRIYLSG
WKGNPQLSDGLVYEGFWEDPKEFAGGSAGQSSVFQCFDVLLGIQQTAGGGHAAQFLQDMRRYMPPAHRNFLCSLESNPSV
REFVLSKGDAGLREAYDACVKALVSLRSYHLQIVTKYILIPASQQPKENKTSEDPSKLEAKGTGGTDLMNFLKTVRSTTE
KSLL
;
_entity_poly.pdbx_strand_id   A
#
# COMPACT_ATOMS: atom_id res chain seq x y z
N ILE A 7 19.25 -10.94 5.40
CA ILE A 7 19.16 -9.50 5.21
C ILE A 7 20.52 -8.89 4.88
N GLN A 8 20.66 -8.34 3.67
CA GLN A 8 21.88 -7.68 3.29
C GLN A 8 22.01 -6.35 4.00
N MET A 9 23.23 -6.00 4.38
CA MET A 9 23.48 -4.81 5.19
C MET A 9 24.30 -3.81 4.40
N GLU A 10 23.99 -2.53 4.57
CA GLU A 10 24.82 -1.49 3.98
C GLU A 10 26.11 -1.31 4.79
N ASN A 11 26.02 -1.42 6.10
CA ASN A 11 27.16 -1.36 7.01
C ASN A 11 26.72 -2.10 8.28
N SER A 12 27.44 -1.89 9.38
CA SER A 12 27.16 -2.65 10.58
C SER A 12 25.82 -2.30 11.21
N TRP A 13 25.26 -1.14 10.87
CA TRP A 13 24.05 -0.66 11.53
C TRP A 13 22.81 -0.71 10.64
N THR A 14 22.95 -0.50 9.33
CA THR A 14 21.83 -0.19 8.46
C THR A 14 21.66 -1.23 7.34
N ILE A 15 20.40 -1.53 7.02
CA ILE A 15 20.14 -2.49 5.96
C ILE A 15 20.55 -1.90 4.60
N SER A 16 20.78 -2.78 3.64
CA SER A 16 21.24 -2.38 2.33
C SER A 16 20.30 -1.39 1.67
N LYS A 17 20.87 -0.38 1.02
CA LYS A 17 20.06 0.57 0.25
C LYS A 17 19.35 -0.10 -0.91
N GLU A 18 19.78 -1.32 -1.29
CA GLU A 18 19.13 -2.00 -2.40
C GLU A 18 17.70 -2.41 -2.07
N TYR A 19 17.31 -2.38 -0.81
CA TYR A 19 15.92 -2.69 -0.46
C TYR A 19 14.99 -1.50 -0.62
N HIS A 20 15.55 -0.31 -0.84
CA HIS A 20 14.78 0.92 -1.03
C HIS A 20 13.79 1.13 0.12
N ILE A 21 14.31 0.97 1.33
CA ILE A 21 13.59 1.29 2.56
C ILE A 21 14.23 2.54 3.14
N ASP A 22 13.43 3.59 3.30
CA ASP A 22 13.96 4.87 3.75
C ASP A 22 14.10 4.89 5.27
N GLU A 23 15.13 5.59 5.74
CA GLU A 23 15.39 5.63 7.17
C GLU A 23 14.29 6.36 7.92
N GLU A 24 13.58 7.29 7.27
CA GLU A 24 12.51 8.05 7.89
C GLU A 24 11.12 7.50 7.58
N VAL A 25 10.83 7.22 6.31
CA VAL A 25 9.46 6.86 5.94
C VAL A 25 9.35 5.41 5.50
N GLY A 26 10.40 4.62 5.66
CA GLY A 26 10.28 3.17 5.48
C GLY A 26 10.00 2.79 4.03
N PHE A 27 8.89 2.07 3.83
CA PHE A 27 8.50 1.61 2.51
C PHE A 27 7.87 2.72 1.66
N ALA A 28 7.46 3.82 2.28
CA ALA A 28 6.94 4.94 1.49
C ALA A 28 8.07 5.54 0.65
N LEU A 29 7.69 6.16 -0.45
CA LEU A 29 8.66 6.87 -1.29
C LEU A 29 9.03 8.18 -0.63
N PRO A 30 10.31 8.43 -0.35
CA PRO A 30 10.70 9.71 0.26
C PRO A 30 10.44 10.87 -0.69
N ASN A 31 9.92 11.97 -0.12
CA ASN A 31 9.68 13.22 -0.84
C ASN A 31 9.30 12.97 -2.29
N PRO A 32 8.10 12.47 -2.55
CA PRO A 32 7.72 12.15 -3.92
C PRO A 32 7.78 13.36 -4.83
N GLN A 33 8.12 13.10 -6.09
CA GLN A 33 8.02 14.12 -7.13
C GLN A 33 6.57 14.53 -7.32
N GLU A 34 6.35 15.84 -7.48
CA GLU A 34 5.01 16.36 -7.73
C GLU A 34 4.79 16.78 -9.17
N ASN A 35 5.84 17.14 -9.91
CA ASN A 35 5.73 17.60 -11.28
C ASN A 35 6.50 16.66 -12.20
N LEU A 36 5.91 16.40 -13.35
CA LEU A 36 6.57 15.69 -14.42
C LEU A 36 7.25 16.66 -15.36
N PRO A 37 8.20 16.20 -16.17
CA PRO A 37 8.73 17.05 -17.24
C PRO A 37 7.60 17.67 -18.04
N ASP A 38 7.85 18.86 -18.60
CA ASP A 38 6.84 19.57 -19.38
C ASP A 38 6.27 18.71 -20.49
N PHE A 39 7.08 17.80 -21.03
CA PHE A 39 6.64 16.88 -22.09
C PHE A 39 5.34 16.18 -21.77
N TYR A 40 5.08 15.91 -20.49
CA TYR A 40 3.93 15.13 -20.06
C TYR A 40 2.80 16.00 -19.51
N ASN A 41 2.76 17.28 -19.87
CA ASN A 41 1.75 18.17 -19.30
C ASN A 41 0.34 17.66 -19.53
N ASP A 42 0.09 17.04 -20.69
CA ASP A 42 -1.26 16.58 -21.00
C ASP A 42 -1.71 15.47 -20.06
N TRP A 43 -0.78 14.60 -19.67
CA TRP A 43 -1.09 13.60 -18.65
C TRP A 43 -1.38 14.25 -17.31
N MET A 44 -0.55 15.23 -16.94
CA MET A 44 -0.70 15.83 -15.62
C MET A 44 -2.01 16.59 -15.53
N PHE A 45 -2.41 17.27 -16.61
CA PHE A 45 -3.66 18.01 -16.59
C PHE A 45 -4.83 17.09 -16.29
N ILE A 46 -4.88 15.95 -16.98
CA ILE A 46 -6.00 15.02 -16.79
C ILE A 46 -6.00 14.52 -15.35
N ALA A 47 -4.84 14.10 -14.85
CA ALA A 47 -4.77 13.54 -13.50
C ALA A 47 -5.17 14.59 -12.46
N LYS A 48 -4.72 15.84 -12.64
CA LYS A 48 -5.02 16.87 -11.66
C LYS A 48 -6.50 17.29 -11.70
N HIS A 49 -7.20 16.99 -12.80
CA HIS A 49 -8.59 17.39 -12.95
C HIS A 49 -9.54 16.20 -12.98
N LEU A 50 -9.10 15.05 -12.48
CA LEU A 50 -9.99 13.89 -12.49
C LEU A 50 -11.34 14.18 -11.84
N PRO A 51 -11.42 14.87 -10.70
CA PRO A 51 -12.76 15.09 -10.12
C PRO A 51 -13.70 15.81 -11.06
N ASP A 52 -13.28 16.94 -11.64
CA ASP A 52 -14.22 17.67 -12.49
C ASP A 52 -14.38 16.99 -13.85
N LEU A 53 -13.37 16.24 -14.31
CA LEU A 53 -13.50 15.56 -15.60
C LEU A 53 -14.44 14.36 -15.51
N ILE A 54 -14.34 13.58 -14.44
CA ILE A 54 -15.30 12.49 -14.26
C ILE A 54 -16.69 13.06 -14.05
N GLU A 55 -16.82 14.04 -13.14
CA GLU A 55 -18.14 14.53 -12.77
C GLU A 55 -18.89 15.09 -13.98
N SER A 56 -18.17 15.73 -14.89
CA SER A 56 -18.78 16.33 -16.07
C SER A 56 -18.88 15.38 -17.25
N GLY A 57 -18.41 14.14 -17.10
CA GLY A 57 -18.47 13.20 -18.21
C GLY A 57 -17.50 13.52 -19.33
N GLN A 58 -16.44 14.27 -19.04
CA GLN A 58 -15.46 14.67 -20.04
C GLN A 58 -14.21 13.80 -20.01
N LEU A 59 -14.03 12.98 -18.97
CA LEU A 59 -12.77 12.25 -18.80
C LEU A 59 -12.46 11.36 -19.99
N ARG A 60 -13.40 10.49 -20.37
CA ARG A 60 -13.08 9.50 -21.39
C ARG A 60 -12.70 10.15 -22.71
N GLU A 61 -13.41 11.22 -23.09
CA GLU A 61 -13.10 11.88 -24.35
C GLU A 61 -11.73 12.55 -24.31
N ARG A 62 -11.37 13.13 -23.16
CA ARG A 62 -10.04 13.70 -23.01
C ARG A 62 -8.96 12.62 -23.15
N VAL A 63 -9.19 11.45 -22.55
CA VAL A 63 -8.20 10.38 -22.65
C VAL A 63 -8.07 9.90 -24.09
N GLU A 64 -9.20 9.77 -24.79
CA GLU A 64 -9.19 9.26 -26.15
C GLU A 64 -8.56 10.25 -27.13
N LYS A 65 -8.41 11.52 -26.75
CA LYS A 65 -7.77 12.49 -27.62
C LYS A 65 -6.29 12.65 -27.32
N LEU A 66 -5.76 11.98 -26.31
CA LEU A 66 -4.35 12.10 -25.98
C LEU A 66 -3.48 11.58 -27.11
N ASN A 67 -2.37 12.27 -27.37
CA ASN A 67 -1.31 11.68 -28.17
C ASN A 67 -0.56 10.64 -27.33
N MET A 68 0.08 9.70 -28.00
CA MET A 68 0.89 8.70 -27.31
C MET A 68 2.25 9.32 -27.01
N LEU A 69 2.58 9.45 -25.73
CA LEU A 69 3.83 10.05 -25.30
C LEU A 69 4.82 8.97 -24.88
N SER A 70 6.06 9.11 -25.36
CA SER A 70 7.10 8.16 -24.99
C SER A 70 7.45 8.32 -23.51
N ILE A 71 7.78 7.20 -22.87
CA ILE A 71 8.25 7.21 -21.49
C ILE A 71 9.74 7.48 -21.37
N ASP A 72 10.43 7.72 -22.48
CA ASP A 72 11.89 7.84 -22.43
C ASP A 72 12.36 9.06 -21.65
N HIS A 73 11.51 10.06 -21.47
CA HIS A 73 11.90 11.25 -20.73
C HIS A 73 11.63 11.15 -19.24
N LEU A 74 11.27 9.96 -18.75
CA LEU A 74 11.15 9.70 -17.32
C LEU A 74 12.45 9.03 -16.90
N THR A 75 13.44 9.84 -16.53
CA THR A 75 14.82 9.39 -16.47
C THR A 75 15.28 8.93 -15.10
N ASP A 76 14.44 9.05 -14.06
CA ASP A 76 14.83 8.58 -12.74
C ASP A 76 13.64 7.95 -12.04
N HIS A 77 13.92 7.29 -10.92
CA HIS A 77 12.91 6.49 -10.23
C HIS A 77 11.70 7.34 -9.85
N LYS A 78 11.94 8.52 -9.27
CA LYS A 78 10.81 9.30 -8.77
C LYS A 78 9.91 9.79 -9.89
N SER A 79 10.49 10.23 -11.01
CA SER A 79 9.63 10.64 -12.13
C SER A 79 8.86 9.45 -12.68
N GLN A 80 9.48 8.26 -12.68
CA GLN A 80 8.76 7.06 -13.11
C GLN A 80 7.63 6.71 -12.15
N ARG A 81 7.86 6.87 -10.85
CA ARG A 81 6.82 6.56 -9.88
C ARG A 81 5.67 7.55 -9.98
N LEU A 82 5.98 8.83 -10.22
CA LEU A 82 4.93 9.82 -10.40
C LEU A 82 4.12 9.55 -11.65
N ALA A 83 4.79 9.19 -12.75
CA ALA A 83 4.08 8.83 -13.98
C ALA A 83 3.17 7.63 -13.76
N ARG A 84 3.66 6.61 -13.04
CA ARG A 84 2.83 5.45 -12.76
C ARG A 84 1.58 5.84 -11.98
N LEU A 85 1.75 6.74 -11.01
CA LEU A 85 0.61 7.20 -10.23
C LEU A 85 -0.36 7.97 -11.12
N VAL A 86 0.17 8.86 -11.96
CA VAL A 86 -0.66 9.64 -12.88
C VAL A 86 -1.45 8.72 -13.81
N LEU A 87 -0.75 7.80 -14.49
CA LEU A 87 -1.42 6.95 -15.46
C LEU A 87 -2.32 5.92 -14.79
N GLY A 88 -1.96 5.46 -13.59
CA GLY A 88 -2.82 4.56 -12.86
C GLY A 88 -4.14 5.20 -12.48
N CYS A 89 -4.09 6.44 -11.98
CA CYS A 89 -5.33 7.13 -11.62
C CYS A 89 -6.19 7.39 -12.86
N ILE A 90 -5.57 7.82 -13.96
CA ILE A 90 -6.32 8.02 -15.19
C ILE A 90 -6.95 6.71 -15.64
N THR A 91 -6.21 5.60 -15.51
CA THR A 91 -6.75 4.31 -15.94
C THR A 91 -7.97 3.91 -15.13
N MET A 92 -7.92 4.03 -13.80
CA MET A 92 -9.09 3.67 -13.01
C MET A 92 -10.28 4.57 -13.33
N ALA A 93 -10.02 5.86 -13.59
CA ALA A 93 -11.10 6.77 -13.95
C ALA A 93 -11.68 6.41 -15.32
N TYR A 94 -10.81 6.02 -16.25
CA TYR A 94 -11.28 5.67 -17.58
C TYR A 94 -12.12 4.40 -17.54
N VAL A 95 -11.64 3.38 -16.85
CA VAL A 95 -12.34 2.10 -16.84
C VAL A 95 -13.69 2.22 -16.16
N TRP A 96 -13.75 2.84 -14.99
CA TRP A 96 -14.96 2.85 -14.18
C TRP A 96 -15.87 4.05 -14.44
N GLY A 97 -15.33 5.12 -15.03
CA GLY A 97 -16.16 6.30 -15.27
C GLY A 97 -16.76 6.82 -13.98
N LYS A 98 -18.06 7.13 -14.03
CA LYS A 98 -18.78 7.61 -12.85
C LYS A 98 -19.17 6.49 -11.89
N GLY A 99 -18.90 5.24 -12.24
CA GLY A 99 -19.10 4.14 -11.32
C GLY A 99 -20.50 3.57 -11.27
N HIS A 100 -21.29 3.76 -12.32
CA HIS A 100 -22.69 3.35 -12.31
C HIS A 100 -22.92 2.12 -13.18
N GLY A 101 -21.86 1.45 -13.60
CA GLY A 101 -21.96 0.28 -14.46
C GLY A 101 -21.51 0.51 -15.87
N ASP A 102 -21.34 1.76 -16.30
CA ASP A 102 -20.88 2.09 -17.65
C ASP A 102 -19.36 1.96 -17.69
N VAL A 103 -18.89 0.73 -17.83
CA VAL A 103 -17.47 0.44 -17.78
C VAL A 103 -16.91 0.44 -19.19
N ARG A 104 -15.59 0.64 -19.28
CA ARG A 104 -14.86 0.46 -20.54
C ARG A 104 -13.98 -0.76 -20.41
N LYS A 105 -14.04 -1.65 -21.41
CA LYS A 105 -13.29 -2.89 -21.38
C LYS A 105 -11.99 -2.81 -22.17
N VAL A 106 -11.71 -1.68 -22.80
CA VAL A 106 -10.50 -1.47 -23.59
C VAL A 106 -9.87 -0.16 -23.14
N LEU A 107 -8.60 -0.23 -22.72
CA LEU A 107 -7.84 0.96 -22.40
C LEU A 107 -7.13 1.46 -23.66
N PRO A 108 -7.38 2.68 -24.12
CA PRO A 108 -6.85 3.12 -25.42
C PRO A 108 -5.33 3.06 -25.49
N ARG A 109 -4.82 2.74 -26.68
CA ARG A 109 -3.39 2.50 -26.83
C ARG A 109 -2.57 3.71 -26.40
N ASN A 110 -3.10 4.93 -26.57
CA ASN A 110 -2.30 6.12 -26.29
C ASN A 110 -1.91 6.24 -24.82
N ILE A 111 -2.66 5.60 -23.91
CA ILE A 111 -2.21 5.49 -22.53
C ILE A 111 -1.82 4.06 -22.17
N ALA A 112 -2.43 3.05 -22.77
CA ALA A 112 -2.11 1.67 -22.39
C ALA A 112 -0.64 1.34 -22.69
N VAL A 113 -0.13 1.79 -23.82
CA VAL A 113 1.23 1.41 -24.18
C VAL A 113 2.24 2.04 -23.24
N PRO A 114 2.26 3.37 -23.05
CA PRO A 114 3.22 3.92 -22.09
C PRO A 114 3.02 3.42 -20.67
N TYR A 115 1.77 3.21 -20.25
CA TYR A 115 1.53 2.69 -18.90
C TYR A 115 2.11 1.30 -18.74
N CYS A 116 1.91 0.43 -19.73
CA CYS A 116 2.40 -0.94 -19.64
C CYS A 116 3.92 -0.98 -19.77
N GLN A 117 4.49 -0.12 -20.61
CA GLN A 117 5.95 -0.06 -20.71
C GLN A 117 6.56 0.40 -19.41
N LEU A 118 5.97 1.42 -18.78
CA LEU A 118 6.49 1.93 -17.52
C LEU A 118 6.34 0.89 -16.42
N SER A 119 5.19 0.22 -16.37
CA SER A 119 4.97 -0.85 -15.40
C SER A 119 5.98 -1.96 -15.59
N LYS A 120 6.24 -2.35 -16.84
CA LYS A 120 7.26 -3.36 -17.11
C LYS A 120 8.62 -2.93 -16.56
N LYS A 121 8.98 -1.66 -16.73
CA LYS A 121 10.29 -1.19 -16.28
C LYS A 121 10.40 -1.23 -14.75
N LEU A 122 9.30 -0.95 -14.04
CA LEU A 122 9.30 -0.98 -12.59
C LEU A 122 8.90 -2.35 -12.02
N GLU A 123 8.51 -3.29 -12.88
CA GLU A 123 8.10 -4.64 -12.48
C GLU A 123 6.88 -4.63 -11.57
N LEU A 124 5.94 -3.72 -11.88
CA LEU A 124 4.65 -3.64 -11.21
C LEU A 124 3.52 -3.91 -12.20
N PRO A 125 2.39 -4.45 -11.75
CA PRO A 125 1.29 -4.69 -12.67
C PRO A 125 0.71 -3.38 -13.19
N PRO A 126 0.15 -3.37 -14.40
CA PRO A 126 -0.42 -2.13 -14.97
C PRO A 126 -1.82 -1.85 -14.42
N ILE A 127 -1.89 -1.68 -13.10
CA ILE A 127 -3.09 -1.25 -12.40
C ILE A 127 -2.60 -0.43 -11.22
N LEU A 128 -3.45 0.46 -10.72
CA LEU A 128 -3.09 1.26 -9.56
C LEU A 128 -2.91 0.34 -8.35
N VAL A 129 -1.79 0.50 -7.64
CA VAL A 129 -1.52 -0.30 -6.45
C VAL A 129 -1.21 0.63 -5.29
N TYR A 130 -1.19 0.03 -4.09
CA TYR A 130 -0.87 0.75 -2.86
C TYR A 130 0.39 1.59 -2.99
N ALA A 131 1.43 1.04 -3.60
CA ALA A 131 2.69 1.77 -3.72
C ALA A 131 2.54 3.02 -4.57
N ASP A 132 1.49 3.10 -5.39
CA ASP A 132 1.21 4.30 -6.16
C ASP A 132 0.38 5.29 -5.34
N CYS A 133 -0.83 4.89 -4.99
CA CYS A 133 -1.84 5.81 -4.50
C CYS A 133 -1.70 6.14 -3.02
N VAL A 134 -0.91 5.37 -2.27
CA VAL A 134 -0.54 5.74 -0.91
C VAL A 134 0.93 6.15 -0.84
N LEU A 135 1.84 5.25 -1.23
CA LEU A 135 3.24 5.44 -0.88
C LEU A 135 3.92 6.52 -1.71
N ALA A 136 3.41 6.84 -2.89
CA ALA A 136 3.99 7.86 -3.75
C ALA A 136 3.08 9.06 -3.93
N ASN A 137 1.93 9.09 -3.27
CA ASN A 137 0.87 10.05 -3.52
C ASN A 137 0.78 11.06 -2.38
N TRP A 138 1.88 11.75 -2.08
CA TRP A 138 1.87 12.63 -0.93
C TRP A 138 2.93 13.71 -1.04
N LYS A 139 2.71 14.78 -0.28
CA LYS A 139 3.62 15.90 -0.19
C LYS A 139 3.47 16.56 1.18
N LYS A 140 4.52 17.22 1.60
CA LYS A 140 4.49 18.06 2.78
C LYS A 140 4.09 19.47 2.36
N LYS A 141 3.22 20.10 3.16
CA LYS A 141 2.89 21.49 2.88
C LYS A 141 4.05 22.41 3.24
N ASP A 142 4.66 22.19 4.40
CA ASP A 142 5.82 22.96 4.86
C ASP A 142 6.98 21.99 5.05
N PRO A 143 7.99 22.01 4.18
CA PRO A 143 9.08 21.02 4.31
C PRO A 143 9.78 21.05 5.66
N ASN A 144 9.61 22.12 6.43
CA ASN A 144 10.30 22.26 7.71
C ASN A 144 9.49 21.75 8.89
N LYS A 145 8.27 21.26 8.67
CA LYS A 145 7.43 20.72 9.72
C LYS A 145 7.32 19.21 9.58
N PRO A 146 6.92 18.52 10.63
CA PRO A 146 6.96 17.05 10.62
C PRO A 146 5.84 16.45 9.78
N LEU A 147 5.92 15.13 9.63
CA LEU A 147 4.93 14.37 8.85
C LEU A 147 3.70 14.14 9.71
N THR A 148 2.75 15.06 9.60
CA THR A 148 1.47 14.95 10.25
C THR A 148 0.40 15.23 9.20
N TYR A 149 -0.82 14.75 9.46
CA TYR A 149 -1.92 15.00 8.53
C TYR A 149 -2.07 16.49 8.26
N GLU A 150 -2.00 17.32 9.31
CA GLU A 150 -2.22 18.75 9.14
C GLU A 150 -1.17 19.36 8.21
N ASN A 151 0.01 18.75 8.12
CA ASN A 151 1.09 19.27 7.30
C ASN A 151 1.26 18.51 5.99
N MET A 152 0.24 17.76 5.55
CA MET A 152 0.41 17.02 4.31
C MET A 152 -0.81 17.10 3.41
N ASP A 153 -0.61 16.72 2.15
N ASP A 153 -0.60 16.67 2.15
CA ASP A 153 -1.71 16.52 1.22
CA ASP A 153 -1.62 16.62 1.12
C ASP A 153 -1.37 15.35 0.31
C ASP A 153 -1.34 15.41 0.24
N VAL A 154 -2.38 14.93 -0.46
CA VAL A 154 -2.19 13.93 -1.49
C VAL A 154 -1.89 14.68 -2.78
N LEU A 155 -1.42 13.97 -3.80
CA LEU A 155 -1.21 14.59 -5.09
C LEU A 155 -2.44 14.46 -5.98
N PHE A 156 -3.15 13.33 -5.90
CA PHE A 156 -4.29 13.09 -6.76
C PHE A 156 -5.45 12.46 -6.00
N SER A 157 -6.66 12.87 -6.41
CA SER A 157 -7.92 12.32 -5.93
CA SER A 157 -7.93 12.33 -5.93
C SER A 157 -8.77 11.96 -7.14
N PHE A 158 -9.84 11.21 -6.90
CA PHE A 158 -10.71 10.79 -7.99
C PHE A 158 -11.98 11.63 -8.14
N ARG A 159 -12.70 11.84 -7.05
CA ARG A 159 -13.91 12.62 -7.07
C ARG A 159 -13.93 13.55 -5.86
N ASP A 160 -14.54 14.72 -6.03
CA ASP A 160 -14.69 15.62 -4.90
C ASP A 160 -15.60 14.96 -3.87
N GLY A 161 -15.13 14.92 -2.63
CA GLY A 161 -15.85 14.24 -1.58
C GLY A 161 -15.56 12.76 -1.43
N ASP A 162 -14.64 12.20 -2.23
CA ASP A 162 -14.33 10.77 -2.13
C ASP A 162 -13.48 10.43 -0.91
N CYS A 163 -13.04 11.44 -0.15
CA CYS A 163 -12.21 11.24 1.05
C CYS A 163 -10.89 10.56 0.71
N SER A 164 -10.43 10.74 -0.52
N SER A 164 -10.39 10.73 -0.51
CA SER A 164 -9.14 10.19 -0.94
CA SER A 164 -9.12 10.12 -0.87
C SER A 164 -8.02 10.70 -0.04
C SER A 164 -7.97 10.70 -0.05
N LYS A 165 -8.00 12.01 0.23
CA LYS A 165 -6.93 12.57 1.04
C LYS A 165 -6.92 11.90 2.42
N GLY A 166 -8.08 11.81 3.05
CA GLY A 166 -8.16 11.17 4.36
C GLY A 166 -7.74 9.72 4.31
N PHE A 167 -8.26 8.96 3.34
CA PHE A 167 -7.96 7.54 3.30
C PHE A 167 -6.49 7.29 2.99
N PHE A 168 -5.96 7.96 1.98
CA PHE A 168 -4.60 7.70 1.54
C PHE A 168 -3.59 8.18 2.59
N LEU A 169 -3.79 9.39 3.13
CA LEU A 169 -2.81 9.92 4.08
C LEU A 169 -2.83 9.18 5.40
N VAL A 170 -4.01 8.83 5.91
CA VAL A 170 -4.04 8.06 7.15
C VAL A 170 -3.35 6.71 6.93
N SER A 171 -3.64 6.06 5.78
CA SER A 171 -2.96 4.80 5.49
C SER A 171 -1.45 4.99 5.46
N LEU A 172 -0.99 6.07 4.82
CA LEU A 172 0.43 6.36 4.74
C LEU A 172 1.04 6.57 6.11
N LEU A 173 0.37 7.33 6.97
CA LEU A 173 0.91 7.61 8.29
C LEU A 173 0.93 6.35 9.15
N VAL A 174 -0.03 5.44 8.95
CA VAL A 174 0.04 4.13 9.60
C VAL A 174 1.29 3.39 9.15
N GLU A 175 1.51 3.36 7.83
CA GLU A 175 2.69 2.71 7.26
C GLU A 175 3.99 3.30 7.80
N ILE A 176 4.04 4.63 7.95
CA ILE A 176 5.27 5.27 8.42
C ILE A 176 5.49 4.98 9.90
N ALA A 177 4.42 4.99 10.70
CA ALA A 177 4.55 4.70 12.12
C ALA A 177 5.08 3.29 12.34
N ALA A 178 4.51 2.30 11.62
CA ALA A 178 4.94 0.93 11.80
C ALA A 178 6.34 0.70 11.27
N ALA A 179 6.72 1.41 10.19
CA ALA A 179 8.02 1.20 9.58
C ALA A 179 9.15 1.71 10.45
N SER A 180 8.85 2.55 11.45
CA SER A 180 9.89 2.99 12.38
C SER A 180 10.59 1.82 13.04
N ALA A 181 9.94 0.66 13.11
CA ALA A 181 10.53 -0.51 13.73
C ALA A 181 11.42 -1.30 12.79
N ILE A 182 11.40 -1.02 11.48
CA ILE A 182 12.21 -1.79 10.54
C ILE A 182 13.68 -1.68 10.93
N LYS A 183 14.13 -0.49 11.32
CA LYS A 183 15.54 -0.29 11.63
C LYS A 183 16.00 -1.13 12.82
N VAL A 184 15.08 -1.59 13.67
CA VAL A 184 15.42 -2.46 14.80
C VAL A 184 15.61 -3.91 14.37
N ILE A 185 15.25 -4.24 13.14
CA ILE A 185 15.27 -5.65 12.72
C ILE A 185 16.69 -6.21 12.70
N PRO A 186 17.71 -5.51 12.19
CA PRO A 186 19.07 -6.08 12.27
C PRO A 186 19.50 -6.36 13.69
N THR A 187 19.06 -5.54 14.65
CA THR A 187 19.39 -5.78 16.05
C THR A 187 18.76 -7.07 16.57
N VAL A 188 17.52 -7.36 16.15
CA VAL A 188 16.88 -8.59 16.55
C VAL A 188 17.75 -9.78 16.17
N PHE A 189 18.23 -9.81 14.93
CA PHE A 189 18.96 -10.98 14.44
C PHE A 189 20.37 -11.03 14.99
N LYS A 190 21.02 -9.87 15.19
CA LYS A 190 22.30 -9.85 15.87
C LYS A 190 22.18 -10.39 17.28
N ALA A 191 21.14 -9.96 18.01
CA ALA A 191 20.98 -10.39 19.40
C ALA A 191 20.76 -11.89 19.48
N MET A 192 20.02 -12.45 18.53
N MET A 192 20.03 -12.46 18.52
CA MET A 192 19.80 -13.90 18.51
CA MET A 192 19.81 -13.90 18.52
C MET A 192 21.12 -14.63 18.25
C MET A 192 21.11 -14.64 18.24
N GLN A 193 21.90 -14.15 17.28
CA GLN A 193 23.15 -14.82 16.94
C GLN A 193 24.16 -14.72 18.07
N MET A 194 24.18 -13.59 18.78
N MET A 194 24.18 -13.59 18.78
CA MET A 194 25.11 -13.38 19.88
CA MET A 194 25.11 -13.38 19.88
C MET A 194 24.52 -13.76 21.23
C MET A 194 24.52 -13.76 21.23
N GLN A 195 23.29 -14.29 21.26
CA GLN A 195 22.63 -14.69 22.50
C GLN A 195 22.59 -13.52 23.50
N GLU A 196 22.20 -12.35 23.00
CA GLU A 196 22.08 -11.15 23.82
C GLU A 196 20.61 -11.02 24.22
N ARG A 197 20.27 -11.59 25.37
CA ARG A 197 18.86 -11.65 25.77
C ARG A 197 18.25 -10.27 25.94
N ASP A 198 18.96 -9.38 26.64
CA ASP A 198 18.42 -8.06 26.93
C ASP A 198 18.27 -7.24 25.64
N THR A 199 19.22 -7.40 24.71
CA THR A 199 19.13 -6.67 23.45
C THR A 199 17.91 -7.12 22.66
N LEU A 200 17.66 -8.43 22.60
CA LEU A 200 16.50 -8.92 21.89
C LEU A 200 15.22 -8.46 22.56
N LEU A 201 15.15 -8.55 23.88
CA LEU A 201 13.94 -8.13 24.59
C LEU A 201 13.61 -6.68 24.26
N LYS A 202 14.61 -5.79 24.34
CA LYS A 202 14.34 -4.37 24.15
C LYS A 202 13.96 -4.08 22.70
N ALA A 203 14.56 -4.79 21.74
CA ALA A 203 14.18 -4.62 20.35
C ALA A 203 12.74 -5.02 20.12
N LEU A 204 12.31 -6.16 20.69
CA LEU A 204 10.93 -6.58 20.54
C LEU A 204 9.98 -5.58 21.17
N LEU A 205 10.35 -4.99 22.32
CA LEU A 205 9.50 -3.98 22.92
C LEU A 205 9.41 -2.73 22.04
N GLU A 206 10.50 -2.37 21.35
CA GLU A 206 10.45 -1.24 20.44
C GLU A 206 9.54 -1.53 19.26
N ILE A 207 9.60 -2.75 18.73
CA ILE A 207 8.69 -3.14 17.66
C ILE A 207 7.24 -3.05 18.14
N ALA A 208 6.96 -3.59 19.33
CA ALA A 208 5.61 -3.55 19.86
C ALA A 208 5.12 -2.10 19.98
N SER A 209 5.98 -1.21 20.49
CA SER A 209 5.61 0.19 20.63
C SER A 209 5.23 0.81 19.30
N CYS A 210 5.97 0.47 18.24
CA CYS A 210 5.67 1.04 16.92
C CYS A 210 4.34 0.51 16.38
N LEU A 211 4.07 -0.78 16.58
CA LEU A 211 2.80 -1.35 16.13
C LEU A 211 1.63 -0.78 16.92
N GLU A 212 1.83 -0.52 18.21
CA GLU A 212 0.79 0.14 19.00
C GLU A 212 0.55 1.56 18.49
N LYS A 213 1.62 2.31 18.20
CA LYS A 213 1.45 3.66 17.67
C LYS A 213 0.72 3.63 16.34
N ALA A 214 1.03 2.63 15.50
CA ALA A 214 0.39 2.54 14.19
C ALA A 214 -1.11 2.37 14.33
N LEU A 215 -1.56 1.64 15.35
CA LEU A 215 -3.00 1.52 15.58
C LEU A 215 -3.60 2.84 16.02
N GLN A 216 -2.90 3.58 16.90
CA GLN A 216 -3.42 4.88 17.30
C GLN A 216 -3.55 5.83 16.12
N VAL A 217 -2.60 5.76 15.17
CA VAL A 217 -2.68 6.62 14.00
C VAL A 217 -3.88 6.23 13.14
N PHE A 218 -4.16 4.93 13.02
CA PHE A 218 -5.28 4.48 12.19
C PHE A 218 -6.59 5.06 12.66
N HIS A 219 -6.71 5.34 13.97
CA HIS A 219 -7.93 5.92 14.53
C HIS A 219 -8.33 7.20 13.81
N GLN A 220 -7.37 7.89 13.20
CA GLN A 220 -7.66 9.13 12.50
C GLN A 220 -8.60 8.92 11.32
N ILE A 221 -8.81 7.68 10.90
CA ILE A 221 -9.62 7.44 9.71
C ILE A 221 -11.02 8.00 9.91
N HIS A 222 -11.58 7.88 11.13
CA HIS A 222 -12.94 8.33 11.37
C HIS A 222 -13.10 9.83 11.15
N ASP A 223 -12.02 10.59 11.36
CA ASP A 223 -12.09 12.04 11.27
C ASP A 223 -12.04 12.55 9.85
N HIS A 224 -11.51 11.76 8.91
CA HIS A 224 -11.23 12.23 7.58
C HIS A 224 -11.84 11.38 6.49
N VAL A 225 -12.53 10.30 6.85
CA VAL A 225 -13.19 9.43 5.88
C VAL A 225 -14.61 9.14 6.37
N ASN A 226 -15.60 9.42 5.53
CA ASN A 226 -16.97 9.05 5.87
CA ASN A 226 -16.96 9.04 5.90
C ASN A 226 -17.32 7.71 5.24
N PRO A 227 -18.02 6.83 5.96
CA PRO A 227 -18.27 5.48 5.40
C PRO A 227 -19.01 5.48 4.07
N LYS A 228 -20.02 6.31 3.91
N LYS A 228 -20.02 6.33 3.91
CA LYS A 228 -20.79 6.31 2.66
CA LYS A 228 -20.80 6.32 2.67
C LYS A 228 -19.91 6.72 1.48
C LYS A 228 -19.95 6.75 1.48
N ALA A 229 -19.10 7.76 1.66
CA ALA A 229 -18.23 8.21 0.57
C ALA A 229 -17.20 7.15 0.22
N PHE A 230 -16.62 6.51 1.23
CA PHE A 230 -15.66 5.44 0.96
C PHE A 230 -16.33 4.30 0.21
N PHE A 231 -17.46 3.81 0.73
CA PHE A 231 -18.07 2.62 0.14
C PHE A 231 -18.61 2.87 -1.26
N SER A 232 -19.26 4.01 -1.46
N SER A 232 -19.27 4.01 -1.46
CA SER A 232 -20.00 4.24 -2.70
CA SER A 232 -20.01 4.24 -2.70
C SER A 232 -19.18 4.93 -3.77
C SER A 232 -19.19 4.96 -3.75
N VAL A 233 -18.07 5.56 -3.40
CA VAL A 233 -17.27 6.33 -4.35
C VAL A 233 -15.82 5.86 -4.38
N LEU A 234 -15.07 6.03 -3.28
CA LEU A 234 -13.64 5.74 -3.36
C LEU A 234 -13.40 4.28 -3.73
N ARG A 235 -14.18 3.36 -3.17
CA ARG A 235 -13.95 1.94 -3.44
C ARG A 235 -14.09 1.61 -4.92
N ILE A 236 -14.87 2.40 -5.65
CA ILE A 236 -15.01 2.18 -7.08
C ILE A 236 -13.64 2.22 -7.76
N TYR A 237 -12.88 3.28 -7.49
CA TYR A 237 -11.63 3.56 -8.18
C TYR A 237 -10.47 2.73 -7.64
N LEU A 238 -10.65 2.04 -6.51
CA LEU A 238 -9.68 1.07 -6.06
C LEU A 238 -9.99 -0.34 -6.55
N SER A 239 -11.13 -0.54 -7.20
N SER A 239 -11.12 -0.53 -7.23
CA SER A 239 -11.51 -1.87 -7.66
CA SER A 239 -11.54 -1.85 -7.69
C SER A 239 -10.78 -2.25 -8.93
C SER A 239 -10.78 -2.25 -8.95
N GLY A 240 -10.42 -3.52 -9.04
CA GLY A 240 -9.68 -4.04 -10.14
C GLY A 240 -10.50 -4.94 -11.04
N TRP A 241 -9.79 -5.71 -11.87
CA TRP A 241 -10.42 -6.57 -12.87
C TRP A 241 -9.85 -7.98 -12.76
N LYS A 242 -9.97 -8.54 -11.56
CA LYS A 242 -9.62 -9.93 -11.31
C LYS A 242 -10.76 -10.53 -10.48
N GLY A 243 -11.44 -11.52 -11.05
CA GLY A 243 -12.63 -12.05 -10.42
C GLY A 243 -13.77 -11.08 -10.38
N ASN A 244 -13.77 -10.08 -11.27
CA ASN A 244 -14.78 -9.04 -11.26
C ASN A 244 -15.84 -9.33 -12.31
N PRO A 245 -17.09 -9.57 -11.92
CA PRO A 245 -18.11 -9.92 -12.93
C PRO A 245 -18.33 -8.84 -13.98
N GLN A 246 -17.98 -7.58 -13.69
CA GLN A 246 -18.16 -6.53 -14.68
C GLN A 246 -17.10 -6.55 -15.77
N LEU A 247 -15.95 -7.17 -15.52
CA LEU A 247 -14.85 -7.28 -16.46
C LEU A 247 -14.28 -8.70 -16.32
N SER A 248 -15.11 -9.70 -16.61
CA SER A 248 -14.84 -11.06 -16.15
C SER A 248 -13.61 -11.68 -16.81
N ASP A 249 -13.14 -11.16 -17.94
CA ASP A 249 -11.91 -11.64 -18.54
C ASP A 249 -10.73 -10.71 -18.31
N GLY A 250 -10.92 -9.61 -17.60
CA GLY A 250 -9.88 -8.61 -17.45
C GLY A 250 -10.07 -7.45 -18.42
N LEU A 251 -9.02 -6.66 -18.52
CA LEU A 251 -8.99 -5.43 -19.31
C LEU A 251 -8.11 -5.63 -20.53
N VAL A 252 -8.53 -5.10 -21.67
CA VAL A 252 -7.69 -5.08 -22.86
C VAL A 252 -6.81 -3.84 -22.82
N TYR A 253 -5.49 -4.05 -22.82
CA TYR A 253 -4.51 -2.98 -22.86
C TYR A 253 -4.14 -2.81 -24.33
N GLU A 254 -4.86 -1.91 -25.02
CA GLU A 254 -4.73 -1.79 -26.46
C GLU A 254 -3.31 -1.45 -26.90
N GLY A 255 -2.79 -2.24 -27.83
CA GLY A 255 -1.45 -2.01 -28.32
C GLY A 255 -0.35 -2.60 -27.47
N PHE A 256 -0.69 -3.35 -26.44
CA PHE A 256 0.32 -4.06 -25.65
C PHE A 256 0.09 -5.56 -25.63
N TRP A 257 -1.12 -5.99 -25.28
CA TRP A 257 -1.52 -7.39 -25.40
C TRP A 257 -2.81 -7.49 -26.20
N GLU A 258 -2.92 -8.52 -27.03
CA GLU A 258 -4.17 -8.70 -27.77
C GLU A 258 -5.28 -9.24 -26.87
N ASP A 259 -4.94 -10.00 -25.86
CA ASP A 259 -5.93 -10.60 -24.98
C ASP A 259 -6.08 -9.81 -23.69
N PRO A 260 -7.29 -9.80 -23.13
CA PRO A 260 -7.48 -9.10 -21.85
C PRO A 260 -6.72 -9.78 -20.72
N LYS A 261 -6.37 -8.98 -19.72
CA LYS A 261 -5.59 -9.47 -18.59
C LYS A 261 -6.22 -9.01 -17.29
N GLU A 262 -6.18 -9.90 -16.30
CA GLU A 262 -6.78 -9.65 -14.99
C GLU A 262 -5.73 -9.20 -13.98
N PHE A 263 -6.02 -8.12 -13.27
CA PHE A 263 -5.19 -7.65 -12.17
C PHE A 263 -6.10 -7.22 -11.03
N ALA A 264 -5.68 -7.52 -9.80
CA ALA A 264 -6.42 -7.14 -8.62
C ALA A 264 -6.27 -5.66 -8.35
N GLY A 265 -7.31 -5.07 -7.79
CA GLY A 265 -7.26 -3.70 -7.30
C GLY A 265 -6.66 -3.64 -5.91
N GLY A 266 -6.79 -2.46 -5.30
CA GLY A 266 -6.26 -2.25 -3.97
C GLY A 266 -6.77 -3.32 -3.05
N SER A 267 -5.86 -3.98 -2.32
CA SER A 267 -6.25 -5.16 -1.57
C SER A 267 -5.46 -5.23 -0.28
N ALA A 268 -6.09 -5.86 0.73
CA ALA A 268 -5.36 -6.27 1.92
C ALA A 268 -4.16 -7.11 1.52
N GLY A 269 -3.04 -6.88 2.22
CA GLY A 269 -1.81 -7.59 1.95
C GLY A 269 -0.82 -6.83 1.10
N GLN A 270 -1.19 -5.69 0.53
CA GLN A 270 -0.27 -4.94 -0.31
C GLN A 270 0.71 -4.09 0.51
N SER A 271 0.45 -3.89 1.80
CA SER A 271 1.40 -3.19 2.65
C SER A 271 2.57 -4.09 3.00
N SER A 272 3.79 -3.64 2.69
CA SER A 272 4.95 -4.45 3.01
C SER A 272 5.23 -4.50 4.50
N VAL A 273 4.92 -3.42 5.24
CA VAL A 273 5.41 -3.37 6.61
C VAL A 273 4.66 -4.36 7.48
N PHE A 274 3.38 -4.60 7.22
CA PHE A 274 2.66 -5.57 8.05
C PHE A 274 2.96 -7.01 7.65
N GLN A 275 3.21 -7.27 6.37
CA GLN A 275 3.76 -8.58 6.01
C GLN A 275 5.12 -8.80 6.67
N CYS A 276 5.89 -7.72 6.86
N CYS A 276 5.91 -7.74 6.82
CA CYS A 276 7.24 -7.83 7.41
CA CYS A 276 7.24 -7.88 7.42
C CYS A 276 7.22 -8.31 8.87
C CYS A 276 7.13 -8.42 8.84
N PHE A 277 6.31 -7.78 9.68
CA PHE A 277 6.25 -8.22 11.07
C PHE A 277 5.47 -9.52 11.22
N ASP A 278 4.57 -9.85 10.30
CA ASP A 278 4.03 -11.21 10.28
C ASP A 278 5.14 -12.23 10.04
N VAL A 279 6.03 -11.94 9.09
CA VAL A 279 7.16 -12.83 8.81
C VAL A 279 8.12 -12.86 9.99
N LEU A 280 8.51 -11.69 10.49
CA LEU A 280 9.48 -11.63 11.58
C LEU A 280 9.01 -12.42 12.80
N LEU A 281 7.73 -12.33 13.14
CA LEU A 281 7.20 -12.96 14.33
C LEU A 281 6.71 -14.38 14.08
N GLY A 282 6.90 -14.91 12.86
CA GLY A 282 6.49 -16.26 12.56
C GLY A 282 5.00 -16.48 12.48
N ILE A 283 4.23 -15.40 12.27
CA ILE A 283 2.78 -15.57 12.14
C ILE A 283 2.43 -16.17 10.80
N GLN A 284 3.18 -15.80 9.76
CA GLN A 284 3.11 -16.43 8.46
C GLN A 284 2.67 -17.90 8.53
N ALA A 292 -6.15 -18.01 2.20
CA ALA A 292 -5.68 -16.74 2.73
C ALA A 292 -4.18 -16.57 2.47
N ALA A 293 -3.40 -17.61 2.77
CA ALA A 293 -1.96 -17.53 2.57
C ALA A 293 -1.61 -17.36 1.11
N GLN A 294 -2.31 -18.05 0.21
CA GLN A 294 -2.03 -17.89 -1.21
C GLN A 294 -2.37 -16.48 -1.68
N PHE A 295 -3.43 -15.89 -1.12
CA PHE A 295 -3.78 -14.52 -1.49
C PHE A 295 -2.69 -13.55 -1.07
N LEU A 296 -2.14 -13.72 0.15
CA LEU A 296 -1.13 -12.79 0.64
C LEU A 296 0.18 -12.95 -0.12
N GLN A 297 0.53 -14.18 -0.51
CA GLN A 297 1.72 -14.37 -1.33
C GLN A 297 1.57 -13.66 -2.66
N ASP A 298 0.40 -13.81 -3.29
CA ASP A 298 0.19 -13.15 -4.58
C ASP A 298 0.22 -11.63 -4.44
N MET A 299 -0.25 -11.09 -3.32
CA MET A 299 -0.23 -9.63 -3.16
C MET A 299 1.20 -9.10 -3.07
N ARG A 300 2.16 -9.93 -2.69
CA ARG A 300 3.55 -9.46 -2.71
C ARG A 300 3.97 -9.04 -4.11
N ARG A 301 3.40 -9.65 -5.14
CA ARG A 301 3.75 -9.27 -6.50
C ARG A 301 3.15 -7.93 -6.91
N TYR A 302 2.32 -7.31 -6.07
CA TYR A 302 1.84 -5.96 -6.28
C TYR A 302 2.66 -4.91 -5.53
N MET A 303 3.66 -5.32 -4.81
CA MET A 303 4.64 -4.58 -4.04
C MET A 303 5.82 -4.23 -4.95
N PRO A 304 6.49 -3.10 -4.74
CA PRO A 304 7.74 -2.85 -5.48
C PRO A 304 8.69 -4.01 -5.32
N PRO A 305 9.43 -4.36 -6.37
CA PRO A 305 10.24 -5.60 -6.30
C PRO A 305 11.29 -5.58 -5.20
N ALA A 306 11.91 -4.44 -4.92
CA ALA A 306 12.92 -4.40 -3.88
C ALA A 306 12.31 -4.67 -2.51
N HIS A 307 11.05 -4.30 -2.33
CA HIS A 307 10.37 -4.57 -1.07
C HIS A 307 10.02 -6.04 -0.95
N ARG A 308 9.67 -6.68 -2.06
CA ARG A 308 9.49 -8.13 -2.05
C ARG A 308 10.78 -8.82 -1.61
N ASN A 309 11.92 -8.33 -2.13
CA ASN A 309 13.19 -8.97 -1.83
C ASN A 309 13.51 -8.86 -0.34
N PHE A 310 13.16 -7.73 0.28
CA PHE A 310 13.36 -7.62 1.72
C PHE A 310 12.53 -8.65 2.47
N LEU A 311 11.25 -8.76 2.12
CA LEU A 311 10.40 -9.77 2.75
C LEU A 311 11.00 -11.16 2.57
N CYS A 312 11.57 -11.43 1.38
CA CYS A 312 12.11 -12.77 1.13
C CYS A 312 13.37 -13.00 1.94
N SER A 313 14.22 -11.96 2.07
CA SER A 313 15.43 -12.09 2.86
C SER A 313 15.09 -12.32 4.33
N LEU A 314 14.04 -11.64 4.82
CA LEU A 314 13.59 -11.85 6.20
C LEU A 314 13.16 -13.29 6.44
N GLU A 315 12.46 -13.88 5.46
CA GLU A 315 12.02 -15.27 5.59
C GLU A 315 13.19 -16.24 5.64
N SER A 316 14.37 -15.82 5.17
CA SER A 316 15.55 -16.67 5.16
C SER A 316 16.39 -16.55 6.42
N ASN A 317 15.94 -15.80 7.41
CA ASN A 317 16.67 -15.61 8.65
C ASN A 317 16.21 -16.63 9.68
N PRO A 318 16.98 -16.81 10.75
CA PRO A 318 16.51 -17.66 11.84
C PRO A 318 15.21 -17.15 12.43
N SER A 319 14.44 -18.06 13.01
CA SER A 319 13.11 -17.74 13.52
C SER A 319 13.19 -17.10 14.90
N VAL A 320 12.67 -15.88 15.01
CA VAL A 320 12.55 -15.23 16.31
C VAL A 320 11.66 -16.06 17.23
N ARG A 321 10.52 -16.51 16.69
CA ARG A 321 9.58 -17.30 17.49
C ARG A 321 10.25 -18.55 18.05
N GLU A 322 11.00 -19.26 17.21
CA GLU A 322 11.70 -20.46 17.67
C GLU A 322 12.71 -20.11 18.76
N PHE A 323 13.45 -19.01 18.58
CA PHE A 323 14.41 -18.59 19.58
C PHE A 323 13.73 -18.36 20.92
N VAL A 324 12.62 -17.63 20.92
CA VAL A 324 11.93 -17.33 22.17
C VAL A 324 11.39 -18.62 22.79
N LEU A 325 10.92 -19.55 21.96
CA LEU A 325 10.42 -20.82 22.49
C LEU A 325 11.53 -21.66 23.09
N SER A 326 12.69 -21.70 22.45
CA SER A 326 13.78 -22.54 22.94
C SER A 326 14.36 -22.03 24.24
N LYS A 327 14.13 -20.76 24.58
CA LYS A 327 14.80 -20.16 25.72
C LYS A 327 14.10 -20.51 27.04
N GLY A 328 12.79 -20.28 27.11
CA GLY A 328 12.09 -20.42 28.38
C GLY A 328 12.37 -19.23 29.27
N ASP A 329 12.05 -18.03 28.77
CA ASP A 329 12.40 -16.77 29.40
C ASP A 329 11.16 -15.90 29.44
N ALA A 330 10.70 -15.58 30.64
CA ALA A 330 9.42 -14.88 30.78
C ALA A 330 9.45 -13.50 30.13
N GLY A 331 10.56 -12.79 30.26
CA GLY A 331 10.65 -11.47 29.69
C GLY A 331 10.62 -11.50 28.17
N LEU A 332 11.30 -12.47 27.57
CA LEU A 332 11.28 -12.61 26.12
C LEU A 332 9.90 -13.04 25.64
N ARG A 333 9.26 -13.95 26.36
CA ARG A 333 7.90 -14.34 26.04
C ARG A 333 6.96 -13.14 26.07
N GLU A 334 7.09 -12.30 27.10
CA GLU A 334 6.24 -11.12 27.23
C GLU A 334 6.50 -10.12 26.11
N ALA A 335 7.78 -9.90 25.78
CA ALA A 335 8.10 -8.93 24.73
C ALA A 335 7.64 -9.43 23.37
N TYR A 336 7.83 -10.73 23.10
CA TYR A 336 7.30 -11.31 21.87
C TYR A 336 5.77 -11.19 21.83
N ASP A 337 5.11 -11.53 22.93
CA ASP A 337 3.65 -11.46 22.98
C ASP A 337 3.15 -10.03 22.89
N ALA A 338 3.93 -9.05 23.36
CA ALA A 338 3.53 -7.66 23.19
C ALA A 338 3.42 -7.30 21.71
N CYS A 339 4.33 -7.83 20.88
CA CYS A 339 4.25 -7.58 19.45
C CYS A 339 3.05 -8.29 18.84
N VAL A 340 2.86 -9.56 19.19
CA VAL A 340 1.72 -10.30 18.65
C VAL A 340 0.41 -9.67 19.11
N LYS A 341 0.34 -9.30 20.39
CA LYS A 341 -0.88 -8.67 20.89
C LYS A 341 -1.17 -7.37 20.14
N ALA A 342 -0.15 -6.59 19.84
CA ALA A 342 -0.35 -5.37 19.06
C ALA A 342 -0.95 -5.69 17.68
N LEU A 343 -0.47 -6.77 17.05
CA LEU A 343 -1.05 -7.16 15.77
C LEU A 343 -2.48 -7.65 15.94
N VAL A 344 -2.78 -8.37 17.01
CA VAL A 344 -4.16 -8.79 17.25
C VAL A 344 -5.06 -7.57 17.40
N SER A 345 -4.61 -6.58 18.16
CA SER A 345 -5.41 -5.38 18.33
C SER A 345 -5.63 -4.68 17.00
N LEU A 346 -4.58 -4.60 16.18
CA LEU A 346 -4.72 -3.98 14.87
C LEU A 346 -5.74 -4.72 13.99
N ARG A 347 -5.69 -6.05 14.00
CA ARG A 347 -6.58 -6.82 13.13
C ARG A 347 -8.01 -6.81 13.66
N SER A 348 -8.18 -6.82 14.98
CA SER A 348 -9.52 -6.66 15.54
C SER A 348 -10.10 -5.30 15.17
N TYR A 349 -9.28 -4.24 15.27
CA TYR A 349 -9.75 -2.92 14.88
C TYR A 349 -10.10 -2.88 13.40
N HIS A 350 -9.26 -3.49 12.57
CA HIS A 350 -9.52 -3.52 11.14
C HIS A 350 -10.85 -4.20 10.84
N LEU A 351 -11.16 -5.31 11.52
CA LEU A 351 -12.45 -5.96 11.32
C LEU A 351 -13.60 -5.00 11.63
N GLN A 352 -13.47 -4.20 12.69
CA GLN A 352 -14.51 -3.23 13.00
C GLN A 352 -14.59 -2.13 11.95
N ILE A 353 -13.43 -1.73 11.40
CA ILE A 353 -13.41 -0.73 10.36
C ILE A 353 -14.13 -1.23 9.12
N VAL A 354 -13.85 -2.47 8.71
CA VAL A 354 -14.50 -3.02 7.53
C VAL A 354 -16.00 -3.11 7.76
N THR A 355 -16.41 -3.44 8.99
CA THR A 355 -17.84 -3.45 9.30
C THR A 355 -18.45 -2.07 9.10
N LYS A 356 -17.79 -1.03 9.63
CA LYS A 356 -18.37 0.30 9.56
C LYS A 356 -18.28 0.89 8.16
N TYR A 357 -17.20 0.60 7.44
CA TYR A 357 -16.92 1.28 6.18
C TYR A 357 -17.30 0.47 4.94
N ILE A 358 -17.63 -0.82 5.10
CA ILE A 358 -17.98 -1.63 3.94
C ILE A 358 -19.25 -2.44 4.20
N LEU A 359 -19.28 -3.19 5.29
CA LEU A 359 -20.40 -4.11 5.51
C LEU A 359 -21.71 -3.36 5.74
N ILE A 360 -21.70 -2.41 6.66
CA ILE A 360 -22.93 -1.69 7.02
C ILE A 360 -23.38 -0.85 5.82
N PRO A 361 -22.49 -0.11 5.16
CA PRO A 361 -22.92 0.58 3.93
C PRO A 361 -23.45 -0.37 2.86
N ALA A 362 -22.82 -1.53 2.67
CA ALA A 362 -23.31 -2.48 1.69
C ALA A 362 -24.71 -2.98 2.05
N SER A 363 -25.00 -3.07 3.35
N SER A 363 -25.00 -3.07 3.35
CA SER A 363 -26.32 -3.54 3.77
CA SER A 363 -26.32 -3.53 3.78
C SER A 363 -27.40 -2.48 3.57
C SER A 363 -27.39 -2.49 3.51
N GLN A 364 -27.03 -1.21 3.51
CA GLN A 364 -28.00 -0.15 3.29
C GLN A 364 -28.08 0.24 1.82
N ASP A 387 -16.91 -11.66 2.27
CA ASP A 387 -15.80 -12.57 1.99
C ASP A 387 -14.50 -11.99 2.49
N LEU A 388 -14.34 -10.66 2.33
CA LEU A 388 -13.18 -9.98 2.92
C LEU A 388 -13.14 -10.20 4.43
N MET A 389 -14.32 -10.30 5.05
CA MET A 389 -14.37 -10.40 6.51
C MET A 389 -13.95 -11.79 6.98
N ASN A 390 -14.45 -12.84 6.31
CA ASN A 390 -13.98 -14.19 6.60
C ASN A 390 -12.47 -14.31 6.40
N PHE A 391 -11.95 -13.63 5.37
CA PHE A 391 -10.50 -13.56 5.20
C PHE A 391 -9.84 -12.88 6.38
N LEU A 392 -10.38 -11.73 6.80
CA LEU A 392 -9.76 -10.99 7.89
C LEU A 392 -9.89 -11.75 9.20
N LYS A 393 -11.00 -12.46 9.40
CA LYS A 393 -11.13 -13.28 10.59
C LYS A 393 -10.09 -14.40 10.61
N THR A 394 -9.77 -14.93 9.43
CA THR A 394 -8.76 -15.99 9.36
C THR A 394 -7.40 -15.44 9.74
N VAL A 395 -7.05 -14.25 9.25
CA VAL A 395 -5.76 -13.67 9.59
C VAL A 395 -5.72 -13.33 11.08
N ARG A 396 -6.80 -12.75 11.61
CA ARG A 396 -6.83 -12.42 13.03
C ARG A 396 -6.69 -13.66 13.88
N SER A 397 -7.36 -14.74 13.50
CA SER A 397 -7.26 -16.00 14.23
C SER A 397 -5.84 -16.56 14.17
N THR A 398 -5.20 -16.48 13.01
CA THR A 398 -3.81 -16.93 12.89
C THR A 398 -2.90 -16.13 13.80
N THR A 399 -3.14 -14.82 13.89
CA THR A 399 -2.32 -13.96 14.74
C THR A 399 -2.52 -14.29 16.21
N GLU A 400 -3.78 -14.42 16.64
CA GLU A 400 -4.05 -14.78 18.02
C GLU A 400 -3.43 -16.12 18.39
N LYS A 401 -3.50 -17.09 17.49
CA LYS A 401 -2.94 -18.40 17.78
C LYS A 401 -1.42 -18.39 17.84
N SER A 402 -0.78 -17.27 17.52
CA SER A 402 0.66 -17.17 17.63
C SER A 402 1.13 -16.67 18.99
N LEU A 403 0.22 -16.25 19.86
CA LEU A 403 0.63 -15.84 21.20
C LEU A 403 1.27 -17.02 21.91
N LEU A 404 2.39 -16.75 22.57
CA LEU A 404 3.14 -17.79 23.27
C LEU A 404 2.69 -17.83 24.73
#